data_8SJQ
#
_entry.id   8SJQ
#
_cell.length_a   167.658
_cell.length_b   167.658
_cell.length_c   91.904
_cell.angle_alpha   90.000
_cell.angle_beta   90.000
_cell.angle_gamma   120.000
#
_symmetry.space_group_name_H-M   'H 3'
#
loop_
_entity.id
_entity.type
_entity.pdbx_description
1 polymer "DNA (5'-D(*CP*AP*GP*CP*AP*TP*GP*CP*CP*TP*GP*AP*TP*AP*CP*CP*GP*CP*A)-3')"
2 polymer "DNA (5'-D(P*TP*GP*CP*GP*GP*TP*AP*TP*CP*AP*CP*CP*AP*CP*GP*A)-3')"
3 polymer "DNA (5'-D(*TP*GP*CP*GP*CP*TP*GP*TP*GP*GP*CP*AP*TP*GP*C)-3')"
4 polymer "DNA (5'-D(P*TP*CP*GP*TP*GP*GP*AP*CP*AP*GP*CP*G)-3')"
#
loop_
_entity_poly.entity_id
_entity_poly.type
_entity_poly.pdbx_seq_one_letter_code
_entity_poly.pdbx_strand_id
1 'polydeoxyribonucleotide' (DC)(DA)(DG)(DC)(DA)(DT)(DG)(DC)(DC)(DT)(DG)(DA)(DT)(DA)(DC)(DC)(DG)(DC)(DA) A
2 'polydeoxyribonucleotide' (DT)(DG)(DC)(DG)(DG)(DT)(DA)(DT)(DC)(DA)(DC)(DC)(DA)(DC)(DG)(DA) B
3 'polydeoxyribonucleotide' (DT)(DG)(DC)(DG)(DC)(DT)(DG)(DT)(DG)(DG)(DC)(DA)(DT)(DG)(DC) C
4 'polydeoxyribonucleotide' (DT)(DC)(DG)(DT)(DG)(DG)(DA)(DC)(DA)(DG)(DC)(DG) D
#
loop_
_chem_comp.id
_chem_comp.type
_chem_comp.name
_chem_comp.formula
DA DNA linking 2'-DEOXYADENOSINE-5'-MONOPHOSPHATE 'C10 H14 N5 O6 P'
DC DNA linking 2'-DEOXYCYTIDINE-5'-MONOPHOSPHATE 'C9 H14 N3 O7 P'
DG DNA linking 2'-DEOXYGUANOSINE-5'-MONOPHOSPHATE 'C10 H14 N5 O7 P'
DT DNA linking THYMIDINE-5'-MONOPHOSPHATE 'C10 H15 N2 O8 P'
#